data_4L2J
#
_entry.id   4L2J
#
_cell.length_a   95.590
_cell.length_b   95.590
_cell.length_c   79.200
_cell.angle_alpha   90.00
_cell.angle_beta   90.00
_cell.angle_gamma   120.00
#
_symmetry.space_group_name_H-M   'P 61 2 2'
#
loop_
_entity.id
_entity.type
_entity.pdbx_description
1 polymer 'Osmotin: antifungal laticifer protein'
2 water water
#
_entity_poly.entity_id   1
_entity_poly.type   'polypeptide(L)'
_entity_poly.pdbx_seq_one_letter_code
;PATFTIRNNCPYTIWAAAVPGGGRRLNSGQTWTINVAPGTAGARIWPRTNCNFDGAGRGRCQTGDCNGVLECKGYGQPPN
TLAEYALNQFQNLDFFDISLVDGFNVPMEFSPVSGSGDKCRAIRCTADINGQCPNELRAPGGCNNPCTVFKTDKYCCNSG
SCGPTTYSRFFKERCWDAYSYPKDDPTSTFTCPSGTNYRVIFCPPG
;
_entity_poly.pdbx_strand_id   A
#
# COMPACT_ATOMS: atom_id res chain seq x y z
N ALA A 2 -7.77 15.07 7.93
CA ALA A 2 -7.12 15.02 6.63
C ALA A 2 -7.99 14.23 5.66
N THR A 3 -8.09 14.70 4.43
CA THR A 3 -8.91 14.01 3.42
C THR A 3 -8.03 13.10 2.57
N PHE A 4 -8.51 11.87 2.35
CA PHE A 4 -7.86 10.95 1.42
C PHE A 4 -8.85 10.64 0.32
N THR A 5 -8.51 11.03 -0.91
CA THR A 5 -9.34 10.73 -2.06
C THR A 5 -8.82 9.44 -2.72
N ILE A 6 -9.63 8.37 -2.68
CA ILE A 6 -9.19 7.06 -3.17
C ILE A 6 -9.91 6.71 -4.46
N ARG A 7 -9.17 6.68 -5.57
CA ARG A 7 -9.78 6.49 -6.87
C ARG A 7 -9.29 5.23 -7.57
N ASN A 8 -10.25 4.46 -8.09
CA ASN A 8 -9.91 3.29 -8.89
C ASN A 8 -9.82 3.64 -10.38
N ASN A 9 -8.61 3.76 -10.90
CA ASN A 9 -8.43 3.96 -12.35
C ASN A 9 -8.17 2.67 -13.11
N CYS A 10 -8.23 1.53 -12.41
CA CYS A 10 -8.10 0.22 -13.06
C CYS A 10 -9.33 -0.13 -13.90
N PRO A 11 -9.14 -0.92 -14.97
CA PRO A 11 -10.29 -1.36 -15.76
C PRO A 11 -11.13 -2.42 -15.03
N TYR A 12 -10.56 -3.03 -14.01
CA TYR A 12 -11.25 -4.02 -13.18
C TYR A 12 -11.66 -3.43 -11.82
N THR A 13 -12.61 -4.10 -11.17
CA THR A 13 -13.14 -3.66 -9.89
C THR A 13 -12.08 -3.84 -8.82
N ILE A 14 -12.00 -2.87 -7.93
CA ILE A 14 -11.13 -2.95 -6.77
C ILE A 14 -11.99 -2.75 -5.54
N TRP A 15 -11.79 -3.58 -4.52
CA TRP A 15 -12.46 -3.35 -3.24
C TRP A 15 -11.47 -2.61 -2.36
N ALA A 16 -11.63 -1.29 -2.27
CA ALA A 16 -10.71 -0.47 -1.49
C ALA A 16 -10.81 -0.82 -0.02
N ALA A 17 -9.68 -0.74 0.67
CA ALA A 17 -9.64 -0.98 2.11
C ALA A 17 -8.86 0.13 2.79
N ALA A 18 -9.32 0.51 3.97
CA ALA A 18 -8.63 1.53 4.73
C ALA A 18 -8.72 1.26 6.21
N VAL A 19 -7.61 1.40 6.91
CA VAL A 19 -7.62 1.37 8.36
C VAL A 19 -6.94 2.65 8.82
N PRO A 20 -7.71 3.60 9.37
CA PRO A 20 -9.16 3.62 9.61
C PRO A 20 -9.92 3.87 8.31
N GLY A 21 -11.22 3.61 8.30
CA GLY A 21 -12.04 3.91 7.14
C GLY A 21 -13.00 2.81 6.76
N GLY A 22 -12.54 1.56 6.78
CA GLY A 22 -13.39 0.43 6.48
C GLY A 22 -13.10 -0.13 5.10
N GLY A 23 -14.06 -0.03 4.19
CA GLY A 23 -13.90 -0.54 2.85
C GLY A 23 -15.08 -0.30 1.95
N ARG A 24 -14.83 -0.27 0.65
CA ARG A 24 -15.86 -0.01 -0.33
C ARG A 24 -15.54 -0.63 -1.68
N ARG A 25 -16.55 -1.20 -2.33
CA ARG A 25 -16.37 -1.69 -3.70
C ARG A 25 -16.26 -0.49 -4.64
N LEU A 26 -15.17 -0.44 -5.40
CA LEU A 26 -14.99 0.60 -6.41
C LEU A 26 -14.96 0.01 -7.81
N ASN A 27 -16.06 0.14 -8.55
CA ASN A 27 -16.02 -0.19 -9.97
C ASN A 27 -15.04 0.71 -10.68
N SER A 28 -14.64 0.31 -11.90
CA SER A 28 -13.70 1.10 -12.68
C SER A 28 -14.13 2.56 -12.76
N GLY A 29 -13.23 3.46 -12.34
CA GLY A 29 -13.47 4.89 -12.40
C GLY A 29 -14.12 5.50 -11.17
N GLN A 30 -14.49 4.67 -10.19
CA GLN A 30 -15.18 5.19 -9.00
C GLN A 30 -14.20 5.69 -7.94
N THR A 31 -14.70 6.62 -7.12
CA THR A 31 -13.93 7.25 -6.05
C THR A 31 -14.60 7.05 -4.69
N TRP A 32 -13.76 6.86 -3.67
CA TRP A 32 -14.16 6.83 -2.27
C TRP A 32 -13.38 7.91 -1.54
N THR A 33 -14.09 8.83 -0.91
CA THR A 33 -13.44 9.88 -0.14
C THR A 33 -13.59 9.64 1.36
N ILE A 34 -12.47 9.58 2.07
CA ILE A 34 -12.51 9.46 3.52
C ILE A 34 -11.85 10.63 4.21
N ASN A 35 -12.32 10.94 5.41
CA ASN A 35 -11.69 11.94 6.24
C ASN A 35 -11.25 11.30 7.54
N VAL A 36 -10.01 11.60 7.89
CA VAL A 36 -9.33 10.93 8.99
C VAL A 36 -8.89 11.98 10.03
N ALA A 37 -9.03 11.66 11.31
CA ALA A 37 -8.68 12.60 12.39
C ALA A 37 -7.18 12.91 12.42
N PRO A 38 -6.84 14.15 12.76
CA PRO A 38 -5.42 14.50 12.98
C PRO A 38 -4.80 13.58 14.02
N GLY A 39 -3.54 13.18 13.81
CA GLY A 39 -2.89 12.30 14.76
C GLY A 39 -3.10 10.82 14.49
N THR A 40 -3.93 10.50 13.50
CA THR A 40 -4.15 9.12 13.09
C THR A 40 -2.80 8.49 12.72
N ALA A 41 -2.54 7.33 13.28
CA ALA A 41 -1.26 6.66 13.09
C ALA A 41 -1.47 5.16 12.90
N GLY A 42 -0.45 4.49 12.36
CA GLY A 42 -0.53 3.06 12.09
C GLY A 42 -1.55 2.78 11.01
N ALA A 43 -1.73 3.75 10.13
CA ALA A 43 -2.79 3.69 9.13
C ALA A 43 -2.33 3.15 7.79
N ARG A 44 -3.25 2.47 7.10
CA ARG A 44 -2.97 2.11 5.71
C ARG A 44 -4.21 2.19 4.82
N ILE A 45 -3.94 2.31 3.53
CA ILE A 45 -4.96 2.16 2.51
C ILE A 45 -4.40 1.15 1.50
N TRP A 46 -5.23 0.23 1.02
CA TRP A 46 -4.72 -0.77 0.08
C TRP A 46 -5.84 -1.29 -0.82
N PRO A 47 -5.49 -1.84 -1.99
CA PRO A 47 -6.49 -2.42 -2.88
C PRO A 47 -6.67 -3.91 -2.62
N ARG A 48 -7.89 -4.41 -2.77
CA ARG A 48 -8.16 -5.84 -2.72
C ARG A 48 -8.74 -6.27 -4.06
N THR A 49 -8.33 -7.45 -4.55
CA THR A 49 -8.85 -7.95 -5.81
C THR A 49 -9.70 -9.21 -5.60
N ASN A 50 -10.70 -9.37 -6.48
CA ASN A 50 -11.54 -10.57 -6.53
C ASN A 50 -12.14 -10.98 -5.19
N CYS A 51 -12.98 -10.08 -4.66
CA CYS A 51 -13.69 -10.32 -3.41
C CYS A 51 -15.07 -10.85 -3.70
N ASN A 52 -15.49 -11.80 -2.88
CA ASN A 52 -16.87 -12.25 -2.89
C ASN A 52 -17.45 -12.13 -1.50
N PHE A 53 -18.38 -11.19 -1.34
CA PHE A 53 -19.01 -10.93 -0.06
C PHE A 53 -20.50 -11.17 -0.13
N ASP A 54 -21.11 -11.59 0.98
CA ASP A 54 -22.56 -11.74 1.04
C ASP A 54 -23.24 -10.44 1.42
N GLY A 55 -24.54 -10.52 1.71
CA GLY A 55 -25.30 -9.34 2.08
C GLY A 55 -24.87 -8.77 3.41
N ALA A 56 -24.29 -9.62 4.27
CA ALA A 56 -23.80 -9.18 5.57
C ALA A 56 -22.40 -8.59 5.46
N GLY A 57 -21.86 -8.60 4.25
CA GLY A 57 -20.54 -8.06 4.01
C GLY A 57 -19.43 -9.02 4.43
N ARG A 58 -19.76 -10.30 4.44
CA ARG A 58 -18.80 -11.34 4.83
C ARG A 58 -18.43 -12.23 3.66
N GLY A 59 -17.14 -12.51 3.52
CA GLY A 59 -16.67 -13.36 2.43
C GLY A 59 -15.15 -13.45 2.37
N ARG A 60 -14.59 -13.42 1.16
CA ARG A 60 -13.15 -13.56 0.97
C ARG A 60 -12.68 -12.79 -0.26
N CYS A 61 -11.52 -12.13 -0.13
CA CYS A 61 -10.84 -11.55 -1.28
C CYS A 61 -9.61 -12.38 -1.65
N GLN A 62 -9.26 -12.38 -2.93
CA GLN A 62 -8.08 -13.15 -3.38
C GLN A 62 -6.77 -12.52 -2.88
N THR A 63 -6.74 -11.19 -2.77
CA THR A 63 -5.58 -10.50 -2.24
C THR A 63 -6.02 -9.43 -1.25
N GLY A 64 -5.21 -9.23 -0.22
CA GLY A 64 -5.46 -8.17 0.74
C GLY A 64 -6.65 -8.38 1.65
N ASP A 65 -7.09 -9.63 1.79
CA ASP A 65 -8.27 -9.92 2.61
C ASP A 65 -8.06 -9.52 4.06
N CYS A 66 -9.06 -8.82 4.62
CA CYS A 66 -9.01 -8.38 6.02
C CYS A 66 -9.99 -9.15 6.92
N ASN A 67 -9.60 -10.36 7.31
CA ASN A 67 -10.42 -11.20 8.20
C ASN A 67 -11.83 -11.45 7.68
N GLY A 68 -11.96 -11.61 6.37
CA GLY A 68 -13.21 -11.99 5.74
C GLY A 68 -14.38 -11.02 5.78
N VAL A 69 -14.09 -9.72 5.83
CA VAL A 69 -15.16 -8.71 5.80
C VAL A 69 -14.93 -7.59 4.78
N LEU A 70 -16.00 -6.93 4.37
CA LEU A 70 -15.91 -5.82 3.43
C LEU A 70 -15.30 -4.57 4.09
N GLU A 71 -15.86 -4.17 5.23
CA GLU A 71 -15.38 -2.98 5.94
C GLU A 71 -14.30 -3.34 6.95
N CYS A 72 -13.05 -3.22 6.52
CA CYS A 72 -11.91 -3.68 7.30
C CYS A 72 -11.80 -3.06 8.69
N LYS A 73 -11.52 -3.91 9.67
CA LYS A 73 -11.26 -3.48 11.03
C LYS A 73 -9.81 -3.75 11.41
N GLY A 74 -9.05 -4.27 10.46
CA GLY A 74 -7.64 -4.60 10.67
C GLY A 74 -6.95 -4.78 9.34
N TYR A 75 -5.66 -5.10 9.37
CA TYR A 75 -4.86 -5.19 8.15
C TYR A 75 -5.24 -6.39 7.25
N GLY A 76 -4.68 -6.39 6.04
CA GLY A 76 -5.02 -7.41 5.05
C GLY A 76 -3.92 -8.43 4.80
N GLN A 77 -4.26 -9.48 4.05
CA GLN A 77 -3.34 -10.57 3.74
C GLN A 77 -2.48 -10.27 2.50
N PRO A 78 -1.16 -10.51 2.59
CA PRO A 78 -0.30 -10.35 1.41
C PRO A 78 -0.72 -11.33 0.32
N PRO A 79 -0.43 -11.01 -0.96
CA PRO A 79 0.25 -9.80 -1.43
C PRO A 79 -0.70 -8.62 -1.55
N ASN A 80 -0.32 -7.49 -0.97
CA ASN A 80 -1.05 -6.25 -1.17
C ASN A 80 -0.16 -5.01 -1.17
N THR A 81 -0.29 -4.23 -2.24
CA THR A 81 0.42 -2.94 -2.34
C THR A 81 -0.11 -2.00 -1.28
N LEU A 82 0.78 -1.42 -0.46
CA LEU A 82 0.35 -0.62 0.68
C LEU A 82 0.69 0.87 0.62
N ALA A 83 -0.31 1.71 0.87
CA ALA A 83 -0.08 3.11 1.20
C ALA A 83 -0.14 3.22 2.71
N GLU A 84 0.95 3.63 3.34
CA GLU A 84 1.04 3.67 4.80
C GLU A 84 1.23 5.11 5.24
N TYR A 85 0.61 5.49 6.35
CA TYR A 85 0.79 6.87 6.83
C TYR A 85 0.56 7.05 8.32
N ALA A 86 1.16 8.12 8.84
CA ALA A 86 0.89 8.59 10.21
C ALA A 86 0.87 10.12 10.17
N LEU A 87 -0.14 10.74 10.78
CA LEU A 87 -0.38 12.16 10.63
C LEU A 87 -0.03 12.91 11.91
N ASN A 88 0.43 14.15 11.77
CA ASN A 88 0.71 15.03 12.90
C ASN A 88 1.63 14.40 13.92
N GLN A 89 2.75 13.87 13.44
CA GLN A 89 3.72 13.21 14.29
C GLN A 89 4.75 14.25 14.77
N PHE A 90 5.99 13.84 14.90
CA PHE A 90 7.04 14.73 15.39
C PHE A 90 7.06 16.02 14.57
N GLN A 91 7.14 17.16 15.26
CA GLN A 91 7.14 18.48 14.62
C GLN A 91 5.92 18.71 13.73
N ASN A 92 4.82 18.05 14.09
CA ASN A 92 3.59 18.08 13.31
C ASN A 92 3.78 17.67 11.85
N LEU A 93 4.67 16.72 11.60
CA LEU A 93 4.86 16.23 10.25
C LEU A 93 4.05 14.97 10.00
N ASP A 94 3.54 14.85 8.78
CA ASP A 94 2.94 13.60 8.30
C ASP A 94 4.05 12.76 7.68
N PHE A 95 4.10 11.47 8.00
CA PHE A 95 5.07 10.56 7.38
C PHE A 95 4.30 9.52 6.59
N PHE A 96 4.66 9.33 5.33
CA PHE A 96 3.92 8.42 4.48
C PHE A 96 4.83 7.69 3.50
N ASP A 97 4.38 6.54 3.01
CA ASP A 97 5.19 5.73 2.10
C ASP A 97 4.33 4.77 1.30
N ILE A 98 4.89 4.23 0.22
CA ILE A 98 4.37 3.02 -0.38
C ILE A 98 5.27 1.88 0.05
N SER A 99 4.69 0.79 0.53
CA SER A 99 5.47 -0.38 0.92
C SER A 99 5.13 -1.62 0.11
N LEU A 100 6.18 -2.35 -0.26
CA LEU A 100 6.05 -3.65 -0.92
C LEU A 100 6.58 -4.77 -0.03
N VAL A 101 6.75 -4.45 1.26
CA VAL A 101 7.23 -5.45 2.22
C VAL A 101 6.21 -6.58 2.42
N ASP A 102 4.94 -6.26 2.24
CA ASP A 102 3.88 -7.25 2.21
C ASP A 102 3.40 -7.51 0.78
N GLY A 103 4.30 -7.32 -0.18
CA GLY A 103 4.02 -7.69 -1.56
C GLY A 103 3.34 -6.64 -2.42
N PHE A 104 3.02 -7.05 -3.65
CA PHE A 104 2.41 -6.19 -4.65
C PHE A 104 1.20 -6.90 -5.24
N ASN A 105 0.08 -6.20 -5.38
CA ASN A 105 -1.04 -6.75 -6.14
C ASN A 105 -1.50 -5.84 -7.27
N VAL A 106 -1.59 -4.53 -7.00
CA VAL A 106 -2.09 -3.57 -7.96
C VAL A 106 -1.17 -2.35 -7.94
N PRO A 107 -0.88 -1.75 -9.12
CA PRO A 107 -0.05 -0.53 -9.14
C PRO A 107 -0.76 0.67 -8.49
N MET A 108 0.03 1.61 -7.99
CA MET A 108 -0.51 2.67 -7.12
C MET A 108 0.26 3.98 -7.23
N GLU A 109 -0.47 5.09 -7.16
CA GLU A 109 0.15 6.37 -6.83
C GLU A 109 -0.39 6.83 -5.47
N PHE A 110 0.50 7.32 -4.61
CA PHE A 110 0.12 7.87 -3.30
C PHE A 110 0.76 9.25 -3.26
N SER A 111 -0.05 10.30 -3.28
CA SER A 111 0.51 11.64 -3.39
C SER A 111 -0.23 12.69 -2.58
N PRO A 112 0.49 13.70 -2.10
CA PRO A 112 -0.19 14.82 -1.46
C PRO A 112 -0.88 15.67 -2.51
N VAL A 113 -1.94 16.37 -2.10
CA VAL A 113 -2.58 17.34 -2.96
C VAL A 113 -1.82 18.63 -2.75
N SER A 114 -1.34 19.23 -3.84
CA SER A 114 -0.54 20.47 -3.76
C SER A 114 0.52 20.42 -2.65
N GLY A 115 1.44 19.47 -2.74
CA GLY A 115 2.42 19.24 -1.67
C GLY A 115 3.45 20.33 -1.42
N SER A 116 3.69 20.62 -0.13
CA SER A 116 4.67 21.61 0.29
C SER A 116 5.90 21.02 1.00
N GLY A 117 7.09 21.34 0.52
CA GLY A 117 8.32 20.78 1.07
C GLY A 117 8.96 19.81 0.09
N ASP A 118 10.29 19.68 0.14
CA ASP A 118 10.99 18.88 -0.88
C ASP A 118 10.65 17.39 -0.85
N LYS A 119 10.26 16.86 0.30
CA LYS A 119 9.91 15.44 0.39
C LYS A 119 8.39 15.22 0.39
N CYS A 120 7.66 16.30 0.15
CA CYS A 120 6.21 16.24 0.06
C CYS A 120 5.82 16.11 -1.40
N ARG A 121 5.93 14.90 -1.93
CA ARG A 121 5.75 14.70 -3.37
C ARG A 121 5.11 13.37 -3.64
N ALA A 122 4.71 13.17 -4.88
CA ALA A 122 4.04 11.92 -5.27
C ALA A 122 4.97 10.72 -5.20
N ILE A 123 4.43 9.60 -4.70
CA ILE A 123 5.10 8.31 -4.73
C ILE A 123 4.36 7.40 -5.72
N ARG A 124 5.08 6.73 -6.60
CA ARG A 124 4.46 5.87 -7.61
C ARG A 124 5.09 4.50 -7.63
N CYS A 125 4.26 3.47 -7.81
CA CYS A 125 4.77 2.15 -8.15
C CYS A 125 3.91 1.58 -9.27
N THR A 126 4.39 1.71 -10.50
CA THR A 126 3.58 1.37 -11.67
C THR A 126 4.20 0.35 -12.60
N ALA A 127 5.42 -0.09 -12.28
CA ALA A 127 6.04 -1.20 -13.02
C ALA A 127 5.16 -2.44 -13.05
N ASP A 128 5.27 -3.26 -14.09
CA ASP A 128 4.48 -4.49 -14.18
C ASP A 128 5.07 -5.59 -13.29
N ILE A 129 4.98 -5.37 -11.99
CA ILE A 129 5.51 -6.28 -10.98
C ILE A 129 4.82 -7.66 -11.05
N ASN A 130 3.51 -7.69 -11.28
CA ASN A 130 2.83 -8.98 -11.43
C ASN A 130 3.34 -9.79 -12.60
N GLY A 131 3.55 -9.13 -13.73
CA GLY A 131 4.00 -9.83 -14.91
C GLY A 131 5.43 -10.29 -14.81
N GLN A 132 6.25 -9.51 -14.14
CA GLN A 132 7.68 -9.75 -14.08
C GLN A 132 8.13 -10.58 -12.87
N CYS A 133 7.18 -10.84 -11.98
CA CYS A 133 7.43 -11.53 -10.70
C CYS A 133 8.22 -12.82 -10.88
N PRO A 134 9.29 -12.98 -10.09
CA PRO A 134 10.00 -14.28 -10.07
C PRO A 134 9.01 -15.39 -9.75
N ASN A 135 9.15 -16.56 -10.38
CA ASN A 135 8.15 -17.60 -10.21
C ASN A 135 8.02 -18.04 -8.75
N GLU A 136 9.14 -18.03 -8.04
CA GLU A 136 9.13 -18.44 -6.64
C GLU A 136 8.39 -17.46 -5.74
N LEU A 137 8.17 -16.24 -6.23
CA LEU A 137 7.46 -15.22 -5.45
C LEU A 137 5.97 -15.09 -5.81
N ARG A 138 5.56 -15.73 -6.91
CA ARG A 138 4.17 -15.63 -7.34
C ARG A 138 3.19 -16.21 -6.33
N ALA A 139 2.07 -15.51 -6.14
CA ALA A 139 0.99 -15.96 -5.28
C ALA A 139 -0.30 -15.66 -6.02
N PRO A 140 -1.42 -16.26 -5.61
CA PRO A 140 -2.69 -15.90 -6.25
C PRO A 140 -2.94 -14.41 -6.21
N GLY A 141 -3.07 -13.79 -7.38
CA GLY A 141 -3.39 -12.38 -7.49
C GLY A 141 -2.24 -11.39 -7.34
N GLY A 142 -1.02 -11.87 -7.16
CA GLY A 142 0.08 -10.93 -6.98
C GLY A 142 1.46 -11.51 -6.77
N CYS A 143 2.36 -10.67 -6.27
CA CYS A 143 3.77 -11.03 -6.10
C CYS A 143 4.17 -10.79 -4.66
N ASN A 144 4.51 -11.86 -3.94
CA ASN A 144 4.88 -11.73 -2.53
C ASN A 144 6.32 -11.27 -2.34
N ASN A 145 6.56 -10.55 -1.25
CA ASN A 145 7.91 -10.21 -0.82
C ASN A 145 8.58 -11.50 -0.34
N PRO A 146 9.91 -11.62 -0.55
CA PRO A 146 10.58 -12.84 -0.08
C PRO A 146 10.43 -13.09 1.42
N CYS A 147 10.14 -12.07 2.22
CA CYS A 147 9.93 -12.31 3.64
C CYS A 147 8.73 -13.22 3.87
N THR A 148 7.65 -12.94 3.14
CA THR A 148 6.44 -13.75 3.23
C THR A 148 6.68 -15.19 2.75
N VAL A 149 7.40 -15.33 1.64
CA VAL A 149 7.64 -16.64 1.04
C VAL A 149 8.64 -17.48 1.84
N PHE A 150 9.81 -16.91 2.15
CA PHE A 150 10.90 -17.70 2.71
C PHE A 150 10.99 -17.69 4.24
N LYS A 151 10.54 -16.59 4.85
CA LYS A 151 10.37 -16.50 6.30
C LYS A 151 11.66 -16.63 7.10
N THR A 152 12.77 -16.16 6.53
CA THR A 152 14.06 -16.23 7.20
C THR A 152 14.53 -14.83 7.59
N ASP A 153 15.51 -14.75 8.48
CA ASP A 153 15.99 -13.48 9.00
C ASP A 153 16.60 -12.63 7.89
N LYS A 154 17.21 -13.29 6.91
CA LYS A 154 17.80 -12.61 5.76
C LYS A 154 16.80 -11.66 5.08
N TYR A 155 15.54 -12.07 5.06
CA TYR A 155 14.51 -11.33 4.33
C TYR A 155 13.55 -10.59 5.26
N CYS A 156 13.43 -11.08 6.50
CA CYS A 156 12.43 -10.56 7.42
C CYS A 156 13.00 -9.61 8.47
N CYS A 157 14.31 -9.65 8.64
CA CYS A 157 15.04 -8.70 9.49
C CYS A 157 14.62 -8.75 10.96
N ASN A 158 14.26 -9.94 11.43
CA ASN A 158 13.82 -10.10 12.81
C ASN A 158 14.90 -9.70 13.82
N SER A 159 16.16 -9.88 13.42
CA SER A 159 17.28 -9.59 14.30
C SER A 159 17.76 -8.14 14.19
N GLY A 160 17.30 -7.45 13.15
CA GLY A 160 17.70 -6.06 12.93
C GLY A 160 18.97 -5.95 12.12
N SER A 161 19.48 -7.09 11.65
CA SER A 161 20.71 -7.13 10.86
C SER A 161 20.46 -7.73 9.48
N CYS A 162 19.87 -6.93 8.59
CA CYS A 162 19.58 -7.39 7.24
C CYS A 162 19.96 -6.30 6.27
N GLY A 163 19.96 -6.63 4.99
CA GLY A 163 20.28 -5.68 3.94
C GLY A 163 19.55 -6.09 2.67
N PRO A 164 19.78 -5.36 1.58
CA PRO A 164 19.14 -5.70 0.30
C PRO A 164 19.50 -7.11 -0.14
N THR A 165 18.56 -7.77 -0.82
CA THR A 165 18.80 -9.11 -1.34
C THR A 165 18.47 -9.11 -2.83
N THR A 166 18.77 -10.23 -3.50
CA THR A 166 18.44 -10.33 -4.91
C THR A 166 16.94 -10.15 -5.09
N TYR A 167 16.16 -10.78 -4.22
CA TYR A 167 14.69 -10.66 -4.29
C TYR A 167 14.16 -9.29 -3.92
N SER A 168 14.74 -8.62 -2.92
CA SER A 168 14.28 -7.28 -2.59
C SER A 168 14.63 -6.30 -3.70
N ARG A 169 15.75 -6.54 -4.37
CA ARG A 169 16.16 -5.66 -5.46
C ARG A 169 15.25 -5.78 -6.67
N PHE A 170 14.57 -6.92 -6.81
CA PHE A 170 13.59 -7.08 -7.88
C PHE A 170 12.55 -5.98 -7.75
N PHE A 171 12.06 -5.78 -6.53
CA PHE A 171 11.08 -4.73 -6.28
C PHE A 171 11.70 -3.34 -6.38
N LYS A 172 12.87 -3.15 -5.75
CA LYS A 172 13.47 -1.83 -5.61
C LYS A 172 13.90 -1.25 -6.95
N GLU A 173 14.36 -2.10 -7.86
CA GLU A 173 14.77 -1.64 -9.17
C GLU A 173 13.61 -1.25 -10.07
N ARG A 174 12.42 -1.73 -9.74
CA ARG A 174 11.21 -1.42 -10.51
C ARG A 174 10.40 -0.29 -9.90
N CYS A 175 10.47 -0.14 -8.58
CA CYS A 175 9.78 0.95 -7.89
C CYS A 175 10.73 1.54 -6.85
N TRP A 176 11.61 2.43 -7.28
CA TRP A 176 12.70 2.89 -6.43
C TRP A 176 12.27 3.65 -5.18
N ASP A 177 11.06 4.20 -5.18
CA ASP A 177 10.62 5.02 -4.04
C ASP A 177 9.85 4.23 -2.97
N ALA A 178 9.57 2.97 -3.23
CA ALA A 178 8.84 2.13 -2.28
C ALA A 178 9.76 1.30 -1.38
N TYR A 179 9.32 1.01 -0.16
CA TYR A 179 10.02 0.05 0.70
C TYR A 179 10.03 -1.33 0.06
N SER A 180 11.23 -1.91 -0.10
CA SER A 180 11.37 -3.23 -0.72
C SER A 180 11.71 -4.33 0.28
N TYR A 181 12.18 -3.94 1.45
CA TYR A 181 12.49 -4.86 2.54
C TYR A 181 12.37 -4.07 3.85
N PRO A 182 12.36 -4.77 5.00
CA PRO A 182 12.02 -4.05 6.24
C PRO A 182 12.94 -2.89 6.67
N LYS A 183 14.21 -2.89 6.26
CA LYS A 183 15.10 -1.78 6.65
C LYS A 183 15.44 -0.83 5.51
N ASP A 184 14.52 -0.68 4.56
CA ASP A 184 14.67 0.22 3.42
C ASP A 184 14.22 1.65 3.77
N ASP A 185 14.58 2.12 4.96
CA ASP A 185 14.03 3.39 5.47
C ASP A 185 14.48 4.71 4.79
N PRO A 186 15.80 4.91 4.59
CA PRO A 186 16.29 6.14 3.96
C PRO A 186 15.59 6.58 2.66
N THR A 187 15.56 5.70 1.67
CA THR A 187 15.09 6.09 0.35
C THR A 187 13.58 5.86 0.15
N SER A 188 12.82 5.84 1.23
CA SER A 188 11.41 5.45 1.10
C SER A 188 10.41 6.20 1.99
N THR A 189 10.86 6.99 2.96
CA THR A 189 9.90 7.73 3.75
C THR A 189 9.76 9.17 3.26
N PHE A 190 8.51 9.56 3.00
CA PHE A 190 8.20 10.90 2.53
C PHE A 190 7.49 11.67 3.64
N THR A 191 7.53 13.00 3.57
CA THR A 191 7.04 13.84 4.66
CA THR A 191 7.01 13.83 4.65
C THR A 191 6.34 15.09 4.13
N CYS A 192 5.20 15.43 4.75
CA CYS A 192 4.46 16.65 4.47
C CYS A 192 4.07 17.33 5.77
N PRO A 193 3.85 18.65 5.72
CA PRO A 193 3.35 19.30 6.93
C PRO A 193 1.96 18.80 7.29
N SER A 194 1.70 18.62 8.57
CA SER A 194 0.37 18.20 8.96
C SER A 194 -0.65 19.22 8.52
N GLY A 195 -1.82 18.73 8.12
CA GLY A 195 -2.83 19.54 7.50
C GLY A 195 -2.94 19.24 6.03
N THR A 196 -1.93 18.55 5.49
CA THR A 196 -1.93 18.15 4.09
C THR A 196 -3.04 17.13 3.80
N ASN A 197 -3.61 17.20 2.60
CA ASN A 197 -4.53 16.18 2.11
C ASN A 197 -3.87 15.33 1.02
N TYR A 198 -4.44 14.16 0.77
CA TYR A 198 -3.80 13.13 -0.07
C TYR A 198 -4.73 12.47 -1.07
N ARG A 199 -4.13 11.86 -2.08
CA ARG A 199 -4.86 10.97 -2.97
C ARG A 199 -4.15 9.63 -3.07
N VAL A 200 -4.94 8.59 -3.22
CA VAL A 200 -4.44 7.25 -3.56
C VAL A 200 -5.17 6.81 -4.81
N ILE A 201 -4.41 6.54 -5.88
CA ILE A 201 -4.98 6.17 -7.17
C ILE A 201 -4.49 4.77 -7.57
N PHE A 202 -5.43 3.85 -7.81
CA PHE A 202 -5.09 2.49 -8.27
C PHE A 202 -4.98 2.51 -9.77
N CYS A 203 -3.94 1.88 -10.33
CA CYS A 203 -3.67 1.93 -11.77
C CYS A 203 -3.60 3.36 -12.32
N PRO A 204 -2.73 4.20 -11.74
CA PRO A 204 -2.70 5.60 -12.17
C PRO A 204 -2.21 5.73 -13.60
N PRO A 205 -2.67 6.76 -14.32
CA PRO A 205 -2.16 6.94 -15.69
C PRO A 205 -0.73 7.47 -15.66
N GLY A 206 -0.01 7.33 -16.77
CA GLY A 206 1.36 7.77 -16.84
C GLY A 206 1.46 9.21 -17.26
#